data_6KI2
#
_entry.id   6KI2
#
_cell.length_a   57.050
_cell.length_b   62.109
_cell.length_c   57.036
_cell.angle_alpha   90.000
_cell.angle_beta   119.860
_cell.angle_gamma   90.000
#
_symmetry.space_group_name_H-M   'P 1 21 1'
#
loop_
_entity.id
_entity.type
_entity.pdbx_description
1 polymer 'Low affinity sulfate transporter'
2 non-polymer 'SULFATE ION'
3 water water
#
_entity_poly.entity_id   1
_entity_poly.type   'polypeptide(L)'
_entity_poly.pdbx_seq_one_letter_code
;SGSKIS(MSE)ALQSKAVKSISDADDEILLSANEKRWLDEGNGRVLLFQLSGP(MSE)IFGVAKAIAREHNAIQECAAIV
FDLSDVPHLGVDASLALENAIEEAAEKGRAVYIVGATGQTKRRLEKLQVFRFVPESNCYDDRSEALKDAVLALGPHESED
SPSSSSVQTTY
;
_entity_poly.pdbx_strand_id   A,B
#
# COMPACT_ATOMS: atom_id res chain seq x y z
N SER A 1 12.63 -6.73 7.66
CA SER A 1 11.31 -6.18 7.95
C SER A 1 10.52 -5.89 6.67
N GLY A 2 10.87 -6.59 5.59
CA GLY A 2 10.14 -6.47 4.34
C GLY A 2 10.46 -5.23 3.51
N SER A 3 9.61 -4.99 2.53
CA SER A 3 9.80 -3.91 1.58
C SER A 3 8.67 -2.89 1.71
N LYS A 4 8.99 -1.64 1.44
CA LYS A 4 8.00 -0.59 1.48
C LYS A 4 8.32 0.49 0.46
N ILE A 5 7.26 1.00 -0.17
CA ILE A 5 7.33 2.22 -0.95
C ILE A 5 6.43 3.27 -0.32
N SER A 6 6.99 4.43 0.00
CA SER A 6 6.19 5.56 0.46
C SER A 6 6.32 6.77 -0.46
N ALA A 8 5.15 10.80 -0.87
CA ALA A 8 4.69 11.95 -0.09
C ALA A 8 4.83 13.26 -0.88
N LEU A 9 3.72 14.00 -0.94
CA LEU A 9 3.64 15.31 -1.60
C LEU A 9 3.82 16.41 -0.56
N GLN A 10 3.63 16.02 0.69
CA GLN A 10 3.52 16.92 1.82
C GLN A 10 3.76 16.03 3.03
N SER A 11 4.18 16.62 4.16
CA SER A 11 4.52 15.84 5.34
C SER A 11 3.29 15.08 5.90
N LYS A 12 2.09 15.58 5.62
CA LYS A 12 0.87 14.90 6.05
C LYS A 12 0.08 14.37 4.86
N ALA A 13 0.74 14.17 3.73
CA ALA A 13 0.04 13.55 2.60
C ALA A 13 0.95 12.45 2.08
N VAL A 14 0.92 11.33 2.78
CA VAL A 14 1.81 10.20 2.58
C VAL A 14 0.99 8.98 2.16
N LYS A 15 1.39 8.31 1.08
CA LYS A 15 0.75 7.05 0.67
C LYS A 15 1.81 5.96 0.60
N SER A 16 1.51 4.80 1.17
CA SER A 16 2.49 3.73 1.28
C SER A 16 1.94 2.36 0.92
N ILE A 17 2.79 1.54 0.35
CA ILE A 17 2.50 0.14 0.11
C ILE A 17 3.65 -0.65 0.72
N SER A 18 3.31 -1.74 1.39
CA SER A 18 4.27 -2.50 2.20
C SER A 18 3.97 -4.01 2.18
N ASP A 19 5.01 -4.84 2.34
CA ASP A 19 4.74 -6.25 2.55
C ASP A 19 5.32 -6.70 3.87
N ALA A 20 5.56 -5.73 4.75
CA ALA A 20 6.01 -6.03 6.10
C ALA A 20 4.94 -6.78 6.92
N ASP A 21 5.40 -7.79 7.64
CA ASP A 21 4.55 -8.64 8.50
C ASP A 21 3.87 -7.85 9.60
N ASP A 22 4.61 -6.89 10.14
CA ASP A 22 4.16 -6.18 11.34
C ASP A 22 3.13 -5.10 11.03
N GLU A 23 2.76 -4.93 9.75
CA GLU A 23 1.75 -3.95 9.38
C GLU A 23 0.37 -4.35 9.90
N ILE A 24 0.23 -5.63 10.24
CA ILE A 24 -0.99 -6.11 10.87
C ILE A 24 -0.59 -6.69 12.23
N LEU A 25 -1.47 -6.55 13.21
CA LEU A 25 -1.19 -7.09 14.53
C LEU A 25 -2.03 -8.33 14.76
N LEU A 26 -1.36 -9.46 14.91
CA LEU A 26 -2.03 -10.73 15.08
C LEU A 26 -1.55 -11.36 16.37
N SER A 27 -2.48 -11.79 17.21
CA SER A 27 -2.09 -12.60 18.35
C SER A 27 -1.51 -13.93 17.85
N ALA A 28 -0.73 -14.61 18.69
CA ALA A 28 -0.22 -15.92 18.35
C ALA A 28 -1.37 -16.85 17.97
N ASN A 29 -2.45 -16.79 18.74
CA ASN A 29 -3.63 -17.62 18.44
C ASN A 29 -4.21 -17.34 17.05
N GLU A 30 -4.30 -16.06 16.69
CA GLU A 30 -4.79 -15.67 15.37
C GLU A 30 -3.84 -16.16 14.26
N LYS A 31 -2.53 -15.96 14.45
CA LYS A 31 -1.54 -16.47 13.50
C LYS A 31 -1.69 -17.99 13.31
N ARG A 32 -1.93 -18.70 14.41
CA ARG A 32 -2.05 -20.15 14.33
C ARG A 32 -3.19 -20.54 13.40
N TRP A 33 -4.34 -19.90 13.58
CA TRP A 33 -5.48 -20.27 12.74
C TRP A 33 -5.32 -19.79 11.29
N LEU A 34 -4.79 -18.59 11.08
CA LEU A 34 -4.54 -18.11 9.73
C LEU A 34 -3.60 -19.04 8.95
N ASP A 35 -2.54 -19.49 9.62
CA ASP A 35 -1.55 -20.35 8.99
C ASP A 35 -2.10 -21.77 8.80
N GLU A 36 -2.96 -22.21 9.70
CA GLU A 36 -3.65 -23.48 9.54
C GLU A 36 -4.49 -23.47 8.26
N GLY A 37 -4.99 -22.29 7.91
CA GLY A 37 -5.75 -22.13 6.67
C GLY A 37 -4.93 -22.45 5.42
N ASN A 38 -3.60 -22.45 5.58
CA ASN A 38 -2.68 -22.83 4.51
C ASN A 38 -2.88 -21.97 3.26
N GLY A 39 -3.17 -20.70 3.46
CA GLY A 39 -3.40 -19.79 2.34
C GLY A 39 -4.81 -19.84 1.77
N ARG A 40 -5.67 -20.68 2.34
CA ARG A 40 -7.06 -20.79 1.85
C ARG A 40 -7.98 -19.75 2.48
N VAL A 41 -7.50 -19.13 3.56
CA VAL A 41 -8.31 -18.09 4.23
C VAL A 41 -7.60 -16.76 4.12
N LEU A 42 -8.27 -15.80 3.50
CA LEU A 42 -7.75 -14.45 3.33
C LEU A 42 -8.34 -13.49 4.39
N LEU A 43 -7.47 -12.89 5.18
CA LEU A 43 -7.91 -11.90 6.17
C LEU A 43 -7.73 -10.48 5.65
N PHE A 44 -8.82 -9.72 5.60
CA PHE A 44 -8.78 -8.29 5.32
C PHE A 44 -8.89 -7.51 6.59
N GLN A 45 -7.81 -6.84 6.97
CA GLN A 45 -7.84 -5.97 8.13
C GLN A 45 -8.00 -4.52 7.67
N LEU A 46 -9.09 -3.87 8.06
CA LEU A 46 -9.33 -2.47 7.71
C LEU A 46 -9.37 -1.62 8.97
N SER A 47 -8.72 -0.46 8.91
CA SER A 47 -8.66 0.42 10.05
C SER A 47 -8.70 1.89 9.60
N GLY A 48 -9.25 2.75 10.45
CA GLY A 48 -9.40 4.16 10.10
C GLY A 48 -10.56 4.33 9.13
N PRO A 49 -10.91 5.59 8.83
CA PRO A 49 -12.03 5.87 7.93
C PRO A 49 -11.84 5.22 6.57
N ILE A 51 -13.24 5.78 3.02
CA ILE A 51 -14.07 6.69 2.27
C ILE A 51 -14.35 6.21 0.84
N PHE A 52 -13.28 6.08 0.06
CA PHE A 52 -13.36 5.58 -1.30
C PHE A 52 -12.86 4.16 -1.38
N GLY A 53 -13.33 3.41 -2.37
CA GLY A 53 -12.72 2.12 -2.66
C GLY A 53 -11.29 2.28 -3.16
N VAL A 54 -10.60 1.16 -3.29
CA VAL A 54 -9.20 1.13 -3.69
C VAL A 54 -8.96 1.76 -5.06
N ALA A 55 -9.76 1.37 -6.05
CA ALA A 55 -9.63 1.93 -7.39
C ALA A 55 -9.67 3.47 -7.39
N LYS A 56 -10.72 4.05 -6.81
CA LYS A 56 -10.87 5.50 -6.86
C LYS A 56 -9.83 6.19 -5.98
N ALA A 57 -9.43 5.52 -4.89
CA ALA A 57 -8.35 6.06 -4.06
C ALA A 57 -7.06 6.16 -4.89
N ILE A 58 -6.79 5.12 -5.67
CA ILE A 58 -5.64 5.11 -6.57
C ILE A 58 -5.70 6.25 -7.56
N ALA A 59 -6.85 6.42 -8.19
CA ALA A 59 -7.06 7.46 -9.18
C ALA A 59 -6.94 8.86 -8.58
N ARG A 60 -7.40 9.03 -7.34
CA ARG A 60 -7.29 10.32 -6.67
C ARG A 60 -5.82 10.65 -6.45
N GLU A 61 -5.03 9.64 -6.11
CA GLU A 61 -3.61 9.86 -5.86
C GLU A 61 -2.88 10.15 -7.18
N HIS A 62 -3.22 9.41 -8.23
CA HIS A 62 -2.69 9.68 -9.55
C HIS A 62 -3.00 11.11 -10.00
N ASN A 63 -4.22 11.58 -9.74
CA ASN A 63 -4.57 12.96 -10.10
C ASN A 63 -3.76 13.95 -9.27
N ALA A 64 -3.46 13.60 -8.02
CA ALA A 64 -2.75 14.51 -7.13
C ALA A 64 -1.28 14.70 -7.57
N ILE A 65 -0.67 13.68 -8.18
CA ILE A 65 0.75 13.79 -8.46
C ILE A 65 1.10 14.24 -9.88
N GLN A 66 0.12 14.40 -10.74
CA GLN A 66 0.39 14.84 -12.11
C GLN A 66 0.88 16.30 -12.14
N GLU A 67 0.78 16.97 -11.01
CA GLU A 67 1.17 18.37 -10.91
C GLU A 67 2.61 18.53 -10.45
N CYS A 68 3.25 17.41 -10.13
CA CYS A 68 4.61 17.49 -9.58
C CYS A 68 5.65 17.92 -10.59
N ALA A 69 6.50 18.85 -10.15
CA ALA A 69 7.54 19.40 -11.02
C ALA A 69 8.86 18.72 -10.77
N ALA A 70 8.96 18.02 -9.65
CA ALA A 70 10.22 17.42 -9.24
C ALA A 70 9.96 16.10 -8.51
N ILE A 71 10.76 15.09 -8.82
CA ILE A 71 10.64 13.82 -8.14
C ILE A 71 11.98 13.44 -7.52
N VAL A 72 11.95 13.18 -6.22
CA VAL A 72 13.13 12.68 -5.51
C VAL A 72 12.96 11.19 -5.20
N PHE A 73 13.83 10.37 -5.76
CA PHE A 73 13.82 8.94 -5.47
C PHE A 73 14.83 8.63 -4.40
N ASP A 74 14.38 8.21 -3.22
CA ASP A 74 15.29 7.83 -2.15
C ASP A 74 15.46 6.30 -2.10
N LEU A 75 16.67 5.86 -2.40
CA LEU A 75 17.01 4.46 -2.52
C LEU A 75 18.00 4.04 -1.45
N SER A 76 18.24 4.91 -0.47
CA SER A 76 19.19 4.61 0.61
C SER A 76 18.96 3.23 1.24
N ASP A 77 17.70 2.89 1.48
CA ASP A 77 17.40 1.66 2.24
C ASP A 77 17.11 0.46 1.34
N VAL A 78 17.43 0.58 0.06
CA VAL A 78 17.24 -0.54 -0.86
C VAL A 78 18.54 -1.28 -1.04
N PRO A 79 18.64 -2.51 -0.48
CA PRO A 79 19.85 -3.35 -0.53
C PRO A 79 19.98 -4.16 -1.82
N HIS A 80 18.89 -4.33 -2.56
CA HIS A 80 18.90 -5.09 -3.81
C HIS A 80 17.76 -4.63 -4.72
N LEU A 81 18.08 -4.47 -5.99
CA LEU A 81 17.12 -4.02 -6.99
C LEU A 81 16.93 -5.08 -8.09
N GLY A 82 15.74 -5.67 -8.15
CA GLY A 82 15.45 -6.68 -9.17
C GLY A 82 15.40 -6.09 -10.58
N VAL A 83 15.40 -6.94 -11.60
CA VAL A 83 15.45 -6.44 -12.97
C VAL A 83 14.17 -5.70 -13.33
N ASP A 84 13.02 -6.28 -13.05
CA ASP A 84 11.77 -5.65 -13.38
C ASP A 84 11.56 -4.33 -12.66
N ALA A 85 11.93 -4.29 -11.40
CA ALA A 85 11.78 -3.05 -10.65
C ALA A 85 12.69 -1.96 -11.25
N SER A 86 13.91 -2.35 -11.60
CA SER A 86 14.85 -1.42 -12.20
C SER A 86 14.29 -0.86 -13.50
N LEU A 87 13.60 -1.68 -14.28
CA LEU A 87 12.98 -1.20 -15.51
C LEU A 87 11.79 -0.28 -15.20
N ALA A 88 11.02 -0.59 -14.15
CA ALA A 88 9.94 0.29 -13.72
C ALA A 88 10.47 1.66 -13.26
N LEU A 89 11.60 1.65 -12.56
CA LEU A 89 12.28 2.88 -12.17
C LEU A 89 12.71 3.67 -13.39
N GLU A 90 13.32 2.97 -14.35
CA GLU A 90 13.78 3.62 -15.58
C GLU A 90 12.62 4.28 -16.35
N ASN A 91 11.49 3.58 -16.38
CA ASN A 91 10.31 4.09 -17.05
C ASN A 91 9.80 5.36 -16.39
N ALA A 92 9.80 5.40 -15.06
CA ALA A 92 9.35 6.62 -14.37
C ALA A 92 10.29 7.79 -14.67
N ILE A 93 11.59 7.51 -14.65
CA ILE A 93 12.58 8.51 -14.98
C ILE A 93 12.40 9.02 -16.42
N GLU A 94 12.01 8.14 -17.33
CA GLU A 94 11.82 8.56 -18.71
C GLU A 94 10.51 9.33 -18.90
N GLU A 95 9.46 8.89 -18.23
CA GLU A 95 8.20 9.64 -18.26
C GLU A 95 8.44 11.06 -17.74
N ALA A 96 9.23 11.20 -16.68
CA ALA A 96 9.59 12.49 -16.13
C ALA A 96 10.25 13.42 -17.17
N ALA A 97 11.14 12.85 -17.98
CA ALA A 97 11.76 13.59 -19.07
C ALA A 97 10.75 14.05 -20.11
N GLU A 98 9.73 13.25 -20.33
CA GLU A 98 8.76 13.60 -21.36
C GLU A 98 7.73 14.64 -20.89
N LYS A 99 7.40 14.64 -19.60
CA LYS A 99 6.35 15.52 -19.10
C LYS A 99 6.87 16.78 -18.42
N GLY A 100 8.20 16.94 -18.40
CA GLY A 100 8.84 18.09 -17.80
C GLY A 100 8.96 18.06 -16.29
N ARG A 101 9.48 16.97 -15.74
CA ARG A 101 9.74 16.91 -14.30
C ARG A 101 11.21 16.67 -14.05
N ALA A 102 11.75 17.40 -13.09
CA ALA A 102 13.14 17.20 -12.70
C ALA A 102 13.25 15.90 -11.89
N VAL A 103 14.40 15.23 -12.01
CA VAL A 103 14.61 14.00 -11.25
C VAL A 103 15.85 14.10 -10.36
N TYR A 104 15.69 13.71 -9.10
CA TYR A 104 16.80 13.57 -8.17
C TYR A 104 16.85 12.13 -7.63
N ILE A 105 18.07 11.64 -7.43
CA ILE A 105 18.24 10.29 -6.89
C ILE A 105 19.12 10.31 -5.64
N VAL A 106 18.59 9.79 -4.54
CA VAL A 106 19.33 9.78 -3.27
C VAL A 106 19.76 8.39 -2.82
N GLY A 107 21.02 8.26 -2.43
CA GLY A 107 21.48 7.10 -1.70
C GLY A 107 21.57 5.78 -2.45
N ALA A 108 21.60 5.82 -3.78
CA ALA A 108 21.86 4.62 -4.55
C ALA A 108 23.28 4.12 -4.25
N THR A 109 23.41 2.88 -3.77
CA THR A 109 24.73 2.28 -3.55
C THR A 109 24.71 0.79 -3.90
N GLY A 110 25.87 0.17 -3.89
CA GLY A 110 25.97 -1.29 -4.02
C GLY A 110 25.37 -1.83 -5.31
N GLN A 111 24.68 -2.96 -5.19
CA GLN A 111 24.08 -3.61 -6.35
C GLN A 111 23.03 -2.68 -7.00
N THR A 112 22.27 -2.00 -6.16
CA THR A 112 21.21 -1.09 -6.59
C THR A 112 21.77 -0.05 -7.56
N LYS A 113 22.91 0.54 -7.19
CA LYS A 113 23.58 1.50 -8.07
C LYS A 113 24.14 0.83 -9.34
N ARG A 114 24.79 -0.31 -9.17
CA ARG A 114 25.29 -1.07 -10.32
C ARG A 114 24.18 -1.31 -11.35
N ARG A 115 23.02 -1.79 -10.88
CA ARG A 115 21.92 -2.09 -11.78
C ARG A 115 21.46 -0.83 -12.50
N LEU A 116 21.37 0.27 -11.75
CA LEU A 116 20.99 1.54 -12.35
C LEU A 116 21.99 2.03 -13.40
N GLU A 117 23.27 1.71 -13.20
CA GLU A 117 24.30 2.14 -14.15
C GLU A 117 24.11 1.45 -15.49
N LYS A 118 23.72 0.18 -15.44
CA LYS A 118 23.52 -0.59 -16.63
C LYS A 118 22.32 -0.07 -17.39
N LEU A 119 21.43 0.61 -16.68
CA LEU A 119 20.16 1.03 -17.24
C LEU A 119 20.09 2.43 -17.74
N GLN A 120 21.11 2.91 -18.46
CA GLN A 120 20.93 4.13 -19.26
C GLN A 120 20.78 5.41 -18.42
N VAL A 121 20.86 5.32 -17.09
CA VAL A 121 20.22 6.32 -16.24
C VAL A 121 20.91 7.68 -16.32
N PHE A 122 22.21 7.69 -16.54
CA PHE A 122 22.99 8.93 -16.56
C PHE A 122 22.53 9.88 -17.68
N ARG A 123 21.87 9.32 -18.70
CA ARG A 123 21.26 10.12 -19.77
C ARG A 123 20.19 11.10 -19.31
N PHE A 124 19.57 10.84 -18.16
CA PHE A 124 18.46 11.67 -17.69
C PHE A 124 18.78 12.37 -16.37
N VAL A 125 19.60 11.72 -15.55
CA VAL A 125 19.95 12.27 -14.27
C VAL A 125 21.44 12.58 -14.25
N PRO A 126 21.78 13.87 -14.28
CA PRO A 126 23.20 14.25 -14.18
C PRO A 126 23.72 14.02 -12.75
N GLU A 127 25.03 13.85 -12.63
CA GLU A 127 25.69 13.53 -11.37
C GLU A 127 25.36 14.54 -10.28
N SER A 128 25.14 15.78 -10.70
CA SER A 128 24.76 16.84 -9.78
C SER A 128 23.37 16.60 -9.16
N ASN A 129 22.57 15.72 -9.77
CA ASN A 129 21.25 15.39 -9.21
C ASN A 129 21.25 14.12 -8.37
N CYS A 130 22.43 13.57 -8.09
CA CYS A 130 22.55 12.41 -7.23
C CYS A 130 23.11 12.87 -5.90
N TYR A 131 22.54 12.37 -4.81
CA TYR A 131 22.90 12.80 -3.46
C TYR A 131 23.00 11.61 -2.51
N ASP A 132 23.73 11.78 -1.42
CA ASP A 132 23.68 10.84 -0.31
C ASP A 132 22.85 11.44 0.83
N ASP A 133 22.53 12.71 0.66
CA ASP A 133 21.90 13.54 1.68
C ASP A 133 20.45 13.84 1.27
N ARG A 134 19.49 13.20 1.92
CA ARG A 134 18.11 13.37 1.48
C ARG A 134 17.59 14.80 1.63
N SER A 135 17.89 15.45 2.75
CA SER A 135 17.37 16.79 2.99
C SER A 135 17.96 17.76 1.99
N GLU A 136 19.22 17.54 1.61
CA GLU A 136 19.85 18.42 0.63
C GLU A 136 19.20 18.28 -0.76
N ALA A 137 18.80 17.06 -1.14
CA ALA A 137 18.10 16.86 -2.41
C ALA A 137 16.73 17.55 -2.40
N LEU A 138 16.03 17.48 -1.28
CA LEU A 138 14.70 18.10 -1.18
C LEU A 138 14.81 19.60 -1.28
N LYS A 139 15.80 20.14 -0.57
CA LYS A 139 16.04 21.58 -0.59
C LYS A 139 16.40 22.02 -2.00
N ASP A 140 17.28 21.28 -2.67
CA ASP A 140 17.68 21.67 -4.02
C ASP A 140 16.53 21.57 -5.01
N ALA A 141 15.69 20.54 -4.85
CA ALA A 141 14.50 20.37 -5.70
C ALA A 141 13.59 21.59 -5.55
N VAL A 142 13.34 21.97 -4.31
CA VAL A 142 12.46 23.08 -4.04
C VAL A 142 13.04 24.37 -4.61
N LEU A 143 14.31 24.62 -4.32
CA LEU A 143 14.96 25.84 -4.79
C LEU A 143 14.99 25.89 -6.31
N ALA A 144 15.06 24.76 -6.98
CA ALA A 144 15.14 24.79 -8.44
C ALA A 144 13.75 24.88 -9.10
N LEU A 145 12.69 24.99 -8.30
CA LEU A 145 11.33 25.01 -8.85
C LEU A 145 11.11 26.23 -9.73
N GLY A 146 11.53 27.39 -9.24
CA GLY A 146 11.33 28.63 -9.95
C GLY A 146 11.85 29.82 -9.15
N SER B 1 -3.76 8.34 12.97
CA SER B 1 -3.01 7.24 12.37
C SER B 1 -3.53 6.91 10.98
N GLY B 2 -4.42 7.75 10.47
CA GLY B 2 -4.97 7.57 9.13
C GLY B 2 -5.63 6.22 8.89
N SER B 3 -5.62 5.81 7.63
CA SER B 3 -6.35 4.64 7.22
C SER B 3 -5.38 3.59 6.69
N LYS B 4 -5.72 2.32 6.91
CA LYS B 4 -4.91 1.23 6.41
C LYS B 4 -5.77 0.05 6.01
N ILE B 5 -5.39 -0.59 4.91
CA ILE B 5 -5.89 -1.91 4.57
C ILE B 5 -4.75 -2.91 4.55
N SER B 6 -4.89 -4.00 5.29
CA SER B 6 -3.90 -5.08 5.23
C SER B 6 -4.56 -6.41 4.84
N ALA B 8 -3.82 -10.50 4.34
CA ALA B 8 -2.91 -11.56 4.78
C ALA B 8 -3.46 -12.95 4.48
N LEU B 9 -2.66 -13.74 3.78
CA LEU B 9 -2.94 -15.14 3.45
C LEU B 9 -2.31 -16.06 4.49
N GLN B 10 -1.35 -15.48 5.20
CA GLN B 10 -0.45 -16.25 6.06
C GLN B 10 0.18 -15.22 6.99
N SER B 11 0.64 -15.64 8.16
CA SER B 11 1.16 -14.69 9.14
C SER B 11 2.39 -13.93 8.60
N LYS B 12 3.12 -14.52 7.65
CA LYS B 12 4.28 -13.86 7.07
C LYS B 12 4.05 -13.51 5.59
N ALA B 13 2.79 -13.43 5.17
CA ALA B 13 2.49 -13.00 3.82
C ALA B 13 1.39 -11.95 3.90
N VAL B 14 1.81 -10.73 4.20
CA VAL B 14 0.93 -9.61 4.50
C VAL B 14 1.19 -8.50 3.48
N LYS B 15 0.15 -8.02 2.82
CA LYS B 15 0.29 -6.84 1.95
C LYS B 15 -0.61 -5.73 2.48
N SER B 16 -0.07 -4.51 2.53
CA SER B 16 -0.78 -3.36 3.10
C SER B 16 -0.66 -2.09 2.29
N ILE B 17 -1.72 -1.30 2.32
CA ILE B 17 -1.73 0.05 1.79
C ILE B 17 -2.21 0.97 2.90
N SER B 18 -1.54 2.11 3.04
CA SER B 18 -1.78 3.04 4.14
C SER B 18 -1.66 4.52 3.72
N ASP B 19 -2.39 5.40 4.40
CA ASP B 19 -2.13 6.82 4.18
C ASP B 19 -1.68 7.48 5.46
N ALA B 20 -1.21 6.67 6.38
CA ALA B 20 -0.65 7.19 7.63
C ALA B 20 0.67 7.95 7.41
N ASP B 21 0.81 9.06 8.13
CA ASP B 21 1.96 9.95 8.03
C ASP B 21 3.24 9.28 8.50
N ASP B 22 3.11 8.49 9.56
CA ASP B 22 4.28 7.90 10.19
C ASP B 22 4.86 6.73 9.38
N GLU B 23 4.27 6.42 8.23
CA GLU B 23 4.81 5.35 7.39
C GLU B 23 6.15 5.75 6.76
N ILE B 24 6.45 7.05 6.79
CA ILE B 24 7.74 7.55 6.38
C ILE B 24 8.34 8.31 7.56
N LEU B 25 9.65 8.25 7.71
CA LEU B 25 10.32 8.97 8.78
C LEU B 25 11.02 10.20 8.20
N LEU B 26 10.53 11.37 8.55
CA LEU B 26 11.10 12.61 8.03
C LEU B 26 11.57 13.44 9.21
N SER B 27 12.78 13.98 9.10
CA SER B 27 13.22 14.94 10.10
C SER B 27 12.38 16.20 9.97
N ALA B 28 12.38 17.03 11.02
CA ALA B 28 11.72 18.32 10.96
C ALA B 28 12.22 19.12 9.75
N ASN B 29 13.53 19.10 9.57
CA ASN B 29 14.16 19.81 8.45
C ASN B 29 13.67 19.33 7.08
N GLU B 30 13.58 18.00 6.93
CA GLU B 30 13.06 17.40 5.71
C GLU B 30 11.60 17.79 5.47
N LYS B 31 10.75 17.60 6.49
CA LYS B 31 9.36 18.05 6.43
C LYS B 31 9.29 19.52 5.99
N ARG B 32 10.19 20.34 6.54
CA ARG B 32 10.18 21.76 6.21
C ARG B 32 10.32 21.95 4.72
N TRP B 33 11.28 21.27 4.12
CA TRP B 33 11.52 21.49 2.69
C TRP B 33 10.44 20.83 1.83
N LEU B 34 9.96 19.66 2.23
CA LEU B 34 8.91 19.00 1.47
C LEU B 34 7.66 19.88 1.41
N ASP B 35 7.31 20.45 2.56
CA ASP B 35 6.12 21.28 2.65
C ASP B 35 6.32 22.61 1.93
N GLU B 36 7.54 23.14 1.95
CA GLU B 36 7.85 24.35 1.19
C GLU B 36 7.64 24.15 -0.31
N GLY B 37 7.80 22.90 -0.76
CA GLY B 37 7.55 22.55 -2.14
C GLY B 37 6.08 22.69 -2.51
N ASN B 38 5.23 22.72 -1.49
CA ASN B 38 3.79 22.95 -1.62
C ASN B 38 3.12 21.99 -2.60
N GLY B 39 3.53 20.73 -2.55
CA GLY B 39 2.97 19.72 -3.43
C GLY B 39 3.66 19.59 -4.78
N ARG B 40 4.62 20.48 -5.05
CA ARG B 40 5.32 20.45 -6.34
C ARG B 40 6.49 19.49 -6.35
N VAL B 41 6.89 19.02 -5.18
CA VAL B 41 8.00 18.06 -5.08
C VAL B 41 7.49 16.76 -4.49
N LEU B 42 7.64 15.67 -5.25
CA LEU B 42 7.19 14.33 -4.84
C LEU B 42 8.36 13.48 -4.30
N LEU B 43 8.26 13.06 -3.05
CA LEU B 43 9.30 12.21 -2.48
C LEU B 43 8.88 10.73 -2.55
N PHE B 44 9.69 9.92 -3.21
CA PHE B 44 9.54 8.47 -3.19
C PHE B 44 10.53 7.88 -2.24
N GLN B 45 10.08 7.33 -1.11
CA GLN B 45 11.01 6.60 -0.27
C GLN B 45 10.83 5.09 -0.49
N LEU B 46 11.92 4.40 -0.82
CA LEU B 46 11.91 2.96 -1.03
C LEU B 46 12.83 2.29 -0.02
N SER B 47 12.38 1.18 0.56
CA SER B 47 13.17 0.48 1.56
C SER B 47 13.03 -1.03 1.41
N GLY B 48 14.06 -1.77 1.76
CA GLY B 48 14.03 -3.21 1.58
C GLY B 48 14.18 -3.58 0.11
N PRO B 49 14.26 -4.88 -0.18
CA PRO B 49 14.45 -5.36 -1.55
C PRO B 49 13.35 -4.88 -2.49
N ILE B 51 12.07 -5.98 -5.90
CA ILE B 51 12.26 -7.06 -6.88
C ILE B 51 11.46 -6.80 -8.16
N PHE B 52 10.15 -6.73 -8.02
CA PHE B 52 9.26 -6.42 -9.13
C PHE B 52 8.77 -4.99 -9.04
N GLY B 53 8.43 -4.40 -10.18
CA GLY B 53 7.71 -3.15 -10.17
C GLY B 53 6.32 -3.30 -9.55
N VAL B 54 5.68 -2.17 -9.28
CA VAL B 54 4.36 -2.07 -8.66
C VAL B 54 3.29 -2.88 -9.40
N ALA B 55 3.24 -2.73 -10.72
CA ALA B 55 2.24 -3.42 -11.52
C ALA B 55 2.35 -4.94 -11.38
N LYS B 56 3.53 -5.51 -11.59
CA LYS B 56 3.64 -6.97 -11.54
C LYS B 56 3.52 -7.48 -10.10
N ALA B 57 3.96 -6.67 -9.13
CA ALA B 57 3.82 -7.07 -7.74
C ALA B 57 2.33 -7.23 -7.41
N ILE B 58 1.54 -6.28 -7.88
CA ILE B 58 0.10 -6.30 -7.71
C ILE B 58 -0.51 -7.52 -8.40
N ALA B 59 -0.05 -7.80 -9.62
CA ALA B 59 -0.51 -8.95 -10.36
C ALA B 59 -0.15 -10.27 -9.65
N ARG B 60 1.03 -10.34 -9.06
CA ARG B 60 1.44 -11.55 -8.34
C ARG B 60 0.54 -11.75 -7.13
N GLU B 61 0.14 -10.65 -6.51
CA GLU B 61 -0.73 -10.75 -5.34
C GLU B 61 -2.14 -11.19 -5.76
N HIS B 62 -2.62 -10.64 -6.86
CA HIS B 62 -3.90 -11.06 -7.43
C HIS B 62 -3.93 -12.56 -7.72
N ASN B 63 -2.88 -13.07 -8.36
CA ASN B 63 -2.81 -14.51 -8.63
C ASN B 63 -2.79 -15.32 -7.32
N ALA B 64 -2.15 -14.77 -6.29
CA ALA B 64 -2.00 -15.47 -5.02
C ALA B 64 -3.33 -15.68 -4.31
N ILE B 65 -4.28 -14.76 -4.48
CA ILE B 65 -5.52 -14.86 -3.72
C ILE B 65 -6.68 -15.45 -4.52
N GLN B 66 -6.44 -15.83 -5.76
CA GLN B 66 -7.47 -16.46 -6.60
C GLN B 66 -7.97 -17.78 -6.01
N GLU B 67 -7.14 -18.44 -5.19
CA GLU B 67 -7.56 -19.75 -4.69
C GLU B 67 -8.04 -19.70 -3.24
N CYS B 68 -8.22 -18.50 -2.71
CA CYS B 68 -8.82 -18.39 -1.37
C CYS B 68 -10.27 -18.88 -1.33
N ALA B 69 -10.59 -19.65 -0.30
CA ALA B 69 -11.91 -20.26 -0.19
C ALA B 69 -12.78 -19.52 0.81
N ALA B 70 -12.17 -18.60 1.55
CA ALA B 70 -12.87 -17.91 2.62
C ALA B 70 -12.26 -16.52 2.79
N ILE B 71 -13.10 -15.50 2.94
CA ILE B 71 -12.60 -14.16 3.19
C ILE B 71 -13.15 -13.63 4.48
N VAL B 72 -12.25 -13.23 5.38
CA VAL B 72 -12.66 -12.59 6.61
C VAL B 72 -12.40 -11.08 6.52
N PHE B 73 -13.47 -10.29 6.56
CA PHE B 73 -13.33 -8.83 6.56
C PHE B 73 -13.39 -8.32 7.98
N ASP B 74 -12.30 -7.74 8.46
CA ASP B 74 -12.28 -7.17 9.81
C ASP B 74 -12.45 -5.66 9.76
N LEU B 75 -13.57 -5.21 10.32
CA LEU B 75 -13.97 -3.80 10.27
C LEU B 75 -14.04 -3.20 11.67
N SER B 76 -13.50 -3.91 12.65
CA SER B 76 -13.46 -3.42 14.03
C SER B 76 -12.93 -1.99 14.14
N ASP B 77 -11.85 -1.69 13.42
CA ASP B 77 -11.19 -0.39 13.58
C ASP B 77 -11.66 0.66 12.58
N VAL B 78 -12.76 0.40 11.91
CA VAL B 78 -13.31 1.35 10.95
C VAL B 78 -14.44 2.17 11.55
N PRO B 79 -14.17 3.44 11.88
CA PRO B 79 -15.19 4.29 12.52
C PRO B 79 -16.21 4.90 11.54
N HIS B 80 -15.86 4.97 10.26
CA HIS B 80 -16.74 5.54 9.25
C HIS B 80 -16.51 4.91 7.88
N LEU B 81 -17.60 4.58 7.23
CA LEU B 81 -17.55 3.97 5.91
C LEU B 81 -18.20 4.87 4.85
N GLY B 82 -17.41 5.34 3.89
CA GLY B 82 -17.94 6.16 2.81
C GLY B 82 -18.83 5.38 1.85
N VAL B 83 -19.56 6.08 1.00
CA VAL B 83 -20.50 5.42 0.10
C VAL B 83 -19.76 4.57 -0.93
N ASP B 84 -18.75 5.11 -1.55
CA ASP B 84 -18.02 4.40 -2.55
C ASP B 84 -17.31 3.18 -2.00
N ALA B 85 -16.69 3.33 -0.85
CA ALA B 85 -16.02 2.20 -0.22
C ALA B 85 -17.04 1.11 0.13
N SER B 86 -18.22 1.52 0.61
CA SER B 86 -19.25 0.53 0.92
C SER B 86 -19.66 -0.25 -0.31
N LEU B 87 -19.73 0.42 -1.46
CA LEU B 87 -20.07 -0.27 -2.70
C LEU B 87 -18.92 -1.20 -3.12
N ALA B 88 -17.68 -0.79 -2.90
CA ALA B 88 -16.53 -1.65 -3.19
C ALA B 88 -16.56 -2.92 -2.31
N LEU B 89 -16.95 -2.75 -1.07
CA LEU B 89 -17.03 -3.87 -0.16
C LEU B 89 -18.20 -4.77 -0.56
N GLU B 90 -19.28 -4.19 -1.04
CA GLU B 90 -20.41 -4.99 -1.48
C GLU B 90 -20.06 -5.80 -2.74
N ASN B 91 -19.30 -5.18 -3.62
CA ASN B 91 -18.85 -5.84 -4.83
C ASN B 91 -17.98 -7.05 -4.51
N ALA B 92 -17.03 -6.88 -3.59
CA ALA B 92 -16.17 -8.01 -3.17
C ALA B 92 -17.03 -9.16 -2.61
N ILE B 93 -18.02 -8.80 -1.80
CA ILE B 93 -18.89 -9.81 -1.23
C ILE B 93 -19.68 -10.52 -2.32
N GLU B 94 -20.14 -9.78 -3.31
CA GLU B 94 -20.89 -10.37 -4.40
C GLU B 94 -20.01 -11.23 -5.31
N GLU B 95 -18.80 -10.80 -5.54
CA GLU B 95 -17.85 -11.57 -6.29
C GLU B 95 -17.59 -12.91 -5.60
N ALA B 96 -17.50 -12.84 -4.30
CA ALA B 96 -17.28 -14.05 -3.50
C ALA B 96 -18.39 -15.09 -3.67
N ALA B 97 -19.63 -14.64 -3.77
CA ALA B 97 -20.76 -15.54 -3.98
C ALA B 97 -20.73 -16.17 -5.37
N GLU B 98 -20.16 -15.46 -6.33
CA GLU B 98 -20.13 -15.97 -7.68
C GLU B 98 -18.98 -16.96 -7.93
N LYS B 99 -17.89 -16.83 -7.19
CA LYS B 99 -16.72 -17.67 -7.41
C LYS B 99 -16.59 -18.80 -6.37
N GLY B 100 -17.56 -18.88 -5.45
CA GLY B 100 -17.57 -19.91 -4.43
C GLY B 100 -16.66 -19.66 -3.23
N ARG B 101 -16.69 -18.45 -2.67
CA ARG B 101 -15.92 -18.17 -1.45
C ARG B 101 -16.82 -17.79 -0.30
N ALA B 102 -16.56 -18.40 0.85
CA ALA B 102 -17.30 -18.07 2.07
C ALA B 102 -16.93 -16.66 2.55
N VAL B 103 -17.87 -15.96 3.17
CA VAL B 103 -17.60 -14.62 3.68
C VAL B 103 -17.94 -14.46 5.15
N TYR B 104 -16.98 -13.93 5.90
CA TYR B 104 -17.18 -13.60 7.30
C TYR B 104 -16.90 -12.11 7.53
N ILE B 105 -17.68 -11.50 8.42
CA ILE B 105 -17.51 -10.10 8.74
C ILE B 105 -17.31 -9.91 10.24
N VAL B 106 -16.22 -9.26 10.61
CA VAL B 106 -15.88 -9.05 12.00
C VAL B 106 -15.96 -7.58 12.44
N GLY B 107 -16.67 -7.35 13.54
CA GLY B 107 -16.62 -6.07 14.22
C GLY B 107 -17.26 -4.86 13.55
N ALA B 108 -18.16 -5.07 12.61
CA ALA B 108 -18.93 -3.96 12.05
C ALA B 108 -19.82 -3.36 13.15
N THR B 109 -19.64 -2.06 13.45
CA THR B 109 -20.51 -1.36 14.42
C THR B 109 -20.81 0.05 13.94
N GLY B 110 -21.71 0.73 14.66
CA GLY B 110 -21.99 2.14 14.42
C GLY B 110 -22.39 2.47 12.99
N GLN B 111 -21.87 3.58 12.48
CA GLN B 111 -22.22 4.02 11.13
C GLN B 111 -21.81 2.95 10.08
N THR B 112 -20.64 2.35 10.28
CA THR B 112 -20.11 1.33 9.39
C THR B 112 -21.13 0.20 9.22
N LYS B 113 -21.68 -0.27 10.33
CA LYS B 113 -22.72 -1.29 10.29
C LYS B 113 -24.02 -0.78 9.63
N ARG B 114 -24.46 0.41 10.01
CA ARG B 114 -25.66 1.01 9.40
C ARG B 114 -25.55 1.07 7.87
N ARG B 115 -24.38 1.48 7.37
CA ARG B 115 -24.18 1.60 5.94
C ARG B 115 -24.24 0.22 5.29
N LEU B 116 -23.62 -0.77 5.92
CA LEU B 116 -23.66 -2.12 5.37
C LEU B 116 -25.09 -2.68 5.40
N GLU B 117 -25.89 -2.22 6.36
CA GLU B 117 -27.26 -2.71 6.45
C GLU B 117 -28.08 -2.26 5.24
N LYS B 118 -27.80 -1.06 4.76
CA LYS B 118 -28.56 -0.50 3.66
C LYS B 118 -28.25 -1.19 2.35
N LEU B 119 -27.09 -1.83 2.27
CA LEU B 119 -26.72 -2.56 1.06
C LEU B 119 -27.40 -3.92 1.02
N GLN B 120 -27.94 -4.32 2.16
CA GLN B 120 -28.54 -5.63 2.34
C GLN B 120 -27.48 -6.70 2.14
N VAL B 121 -26.40 -6.56 2.92
CA VAL B 121 -25.31 -7.50 2.88
C VAL B 121 -25.82 -8.84 3.42
N PHE B 122 -26.91 -8.79 4.20
CA PHE B 122 -27.41 -10.00 4.86
C PHE B 122 -27.82 -11.07 3.84
N ARG B 123 -28.20 -10.65 2.64
CA ARG B 123 -28.50 -11.56 1.52
C ARG B 123 -27.35 -12.51 1.16
N PHE B 124 -26.11 -12.11 1.48
CA PHE B 124 -24.94 -12.91 1.15
C PHE B 124 -24.21 -13.39 2.40
N VAL B 125 -24.41 -12.68 3.51
CA VAL B 125 -23.77 -13.06 4.75
C VAL B 125 -24.82 -13.29 5.83
N PRO B 126 -24.95 -14.53 6.28
CA PRO B 126 -25.88 -14.80 7.38
C PRO B 126 -25.31 -14.30 8.71
N GLU B 127 -26.20 -14.04 9.66
CA GLU B 127 -25.83 -13.50 10.97
C GLU B 127 -24.80 -14.38 11.67
N SER B 128 -24.86 -15.68 11.39
CA SER B 128 -23.92 -16.63 11.97
C SER B 128 -22.49 -16.39 11.43
N ASN B 129 -22.36 -15.66 10.33
CA ASN B 129 -21.02 -15.37 9.80
C ASN B 129 -20.52 -13.99 10.21
N CYS B 130 -21.24 -13.34 11.13
CA CYS B 130 -20.80 -12.07 11.66
C CYS B 130 -20.28 -12.30 13.08
N TYR B 131 -19.14 -11.69 13.41
CA TYR B 131 -18.49 -11.90 14.71
C TYR B 131 -17.99 -10.57 15.32
N ASP B 132 -17.79 -10.57 16.63
CA ASP B 132 -17.06 -9.49 17.30
C ASP B 132 -15.65 -9.94 17.63
N ASP B 133 -15.40 -11.21 17.36
CA ASP B 133 -14.22 -11.91 17.84
C ASP B 133 -13.44 -12.35 16.61
N ARG B 134 -12.31 -11.70 16.33
CA ARG B 134 -11.58 -12.01 15.12
C ARG B 134 -11.04 -13.44 15.08
N SER B 135 -10.53 -13.93 16.20
CA SER B 135 -9.88 -15.23 16.18
C SER B 135 -10.94 -16.31 16.04
N GLU B 136 -12.13 -16.06 16.60
CA GLU B 136 -13.22 -17.02 16.44
C GLU B 136 -13.68 -17.13 14.96
N ALA B 137 -13.71 -16.02 14.24
CA ALA B 137 -14.03 -16.03 12.81
C ALA B 137 -12.98 -16.79 11.99
N LEU B 138 -11.70 -16.54 12.28
CA LEU B 138 -10.63 -17.20 11.56
C LEU B 138 -10.70 -18.71 11.78
N LYS B 139 -10.94 -19.09 13.03
CA LYS B 139 -11.04 -20.48 13.40
C LYS B 139 -12.22 -21.13 12.67
N ASP B 140 -13.38 -20.47 12.68
CA ASP B 140 -14.55 -21.04 12.03
C ASP B 140 -14.35 -21.14 10.52
N ALA B 141 -13.66 -20.15 9.95
CA ALA B 141 -13.37 -20.16 8.50
C ALA B 141 -12.54 -21.37 8.14
N VAL B 142 -11.51 -21.60 8.93
CA VAL B 142 -10.60 -22.71 8.69
C VAL B 142 -11.34 -24.02 8.80
N LEU B 143 -12.09 -24.18 9.90
CA LEU B 143 -12.82 -25.41 10.14
C LEU B 143 -13.90 -25.67 9.09
N ALA B 144 -14.44 -24.63 8.46
CA ALA B 144 -15.48 -24.83 7.44
C ALA B 144 -14.89 -25.05 6.03
N LEU B 145 -13.57 -25.13 5.94
CA LEU B 145 -12.92 -25.34 4.64
C LEU B 145 -13.28 -26.70 4.06
N GLY B 146 -13.23 -27.73 4.91
CA GLY B 146 -13.52 -29.09 4.49
C GLY B 146 -12.50 -30.09 5.00
#